data_5CVK
#
_entry.id   5CVK
#
_cell.length_a   59.002
_cell.length_b   59.002
_cell.length_c   264.653
_cell.angle_alpha   90.00
_cell.angle_beta   90.00
_cell.angle_gamma   120.00
#
_symmetry.space_group_name_H-M   'P 61 2 2'
#
loop_
_entity.id
_entity.type
_entity.pdbx_description
1 polymer 'Peptide deformylase'
2 non-polymer 'CADMIUM ION'
3 non-polymer 'ethyl N-[(5-methylthiophen-3-yl)carbonyl]glycinate'
4 non-polymer 'ACETATE ION'
5 non-polymer 'SODIUM ION'
6 water water
#
_entity_poly.entity_id   1
_entity_poly.type   'polypeptide(L)'
_entity_poly.pdbx_seq_one_letter_code
;MIRDIIRMGDKRLLRVAPQVTNLGSAELHALVSDMFETMGAAHGVGLAAPQIAVDLQLMVFGFEASERYPEAPAVPLTAL
ANAQIEPLSDEMENGWEGCLSIPGLRAVIPRYRYIRYRGFAPDGSPIEREAEGFHARVVQHEYDHLVGRLYPSRIENFDT
FGFDDVLSYDL
;
_entity_poly.pdbx_strand_id   A
#
# COMPACT_ATOMS: atom_id res chain seq x y z
N MET A 1 -7.85 -12.82 -12.63
CA MET A 1 -6.61 -13.19 -13.23
C MET A 1 -5.50 -12.56 -12.38
N ILE A 2 -4.45 -13.35 -12.15
CA ILE A 2 -3.25 -12.86 -11.43
C ILE A 2 -2.46 -11.96 -12.39
N ARG A 3 -2.07 -10.76 -11.99
CA ARG A 3 -1.24 -9.89 -12.87
C ARG A 3 0.18 -9.89 -12.40
N ASP A 4 1.12 -9.75 -13.32
CA ASP A 4 2.54 -9.56 -12.98
C ASP A 4 2.68 -8.28 -12.14
N ILE A 5 3.42 -8.38 -11.06
CA ILE A 5 3.83 -7.19 -10.28
C ILE A 5 5.16 -6.65 -10.79
N ILE A 6 5.23 -5.37 -11.18
CA ILE A 6 6.46 -4.86 -11.71
C ILE A 6 7.41 -4.49 -10.56
N ARG A 7 8.73 -4.59 -10.80
CA ARG A 7 9.74 -4.38 -9.79
C ARG A 7 10.33 -2.99 -9.84
N MET A 8 10.77 -2.52 -8.67
CA MET A 8 11.52 -1.28 -8.56
C MET A 8 12.59 -1.18 -9.63
N GLY A 9 12.69 0.00 -10.25
CA GLY A 9 13.51 0.13 -11.48
C GLY A 9 12.57 0.38 -12.65
N ASP A 10 11.37 -0.19 -12.60
CA ASP A 10 10.35 0.08 -13.66
C ASP A 10 9.89 1.52 -13.52
N LYS A 11 10.09 2.33 -14.55
CA LYS A 11 9.62 3.73 -14.52
C LYS A 11 8.12 3.92 -14.29
N ARG A 12 7.35 2.90 -14.61
CA ARG A 12 5.90 2.99 -14.41
C ARG A 12 5.53 3.09 -12.93
N LEU A 13 6.48 2.82 -12.04
CA LEU A 13 6.18 2.97 -10.57
C LEU A 13 6.47 4.37 -10.09
N LEU A 14 7.07 5.18 -10.96
CA LEU A 14 7.54 6.52 -10.62
C LEU A 14 6.58 7.62 -11.11
N ARG A 15 5.46 7.20 -11.71
CA ARG A 15 4.44 8.13 -12.29
C ARG A 15 3.53 8.70 -11.20
N VAL A 16 2.90 9.85 -11.45
CA VAL A 16 1.78 10.36 -10.67
C VAL A 16 0.51 9.84 -11.38
N ALA A 17 -0.19 8.87 -10.78
CA ALA A 17 -1.40 8.29 -11.41
C ALA A 17 -2.60 9.27 -11.48
N PRO A 18 -3.37 9.20 -12.59
CA PRO A 18 -4.60 10.01 -12.67
C PRO A 18 -5.74 9.32 -11.86
N GLN A 19 -6.81 10.06 -11.62
CA GLN A 19 -7.94 9.54 -10.86
C GLN A 19 -8.70 8.46 -11.61
N VAL A 20 -9.38 7.63 -10.86
CA VAL A 20 -10.34 6.66 -11.36
C VAL A 20 -11.62 7.44 -11.76
N THR A 21 -12.16 7.14 -12.93
CA THR A 21 -13.35 7.88 -13.42
C THR A 21 -14.45 6.94 -13.89
N ASN A 22 -14.26 5.65 -13.63
CA ASN A 22 -15.23 4.60 -13.99
C ASN A 22 -15.75 3.85 -12.77
N LEU A 23 -15.99 4.57 -11.68
CA LEU A 23 -16.66 4.01 -10.51
C LEU A 23 -17.98 3.33 -10.90
N GLY A 24 -18.21 2.11 -10.39
CA GLY A 24 -19.48 1.41 -10.61
C GLY A 24 -19.42 0.60 -11.89
N SER A 25 -18.32 0.65 -12.63
CA SER A 25 -18.26 0.00 -13.96
C SER A 25 -17.86 -1.47 -13.85
N ALA A 26 -18.21 -2.29 -14.85
CA ALA A 26 -17.77 -3.70 -14.85
C ALA A 26 -16.25 -3.72 -14.96
N GLU A 27 -15.66 -2.79 -15.71
CA GLU A 27 -14.23 -2.82 -15.99
C GLU A 27 -13.43 -2.56 -14.68
N LEU A 28 -13.88 -1.62 -13.85
CA LEU A 28 -13.18 -1.33 -12.59
C LEU A 28 -13.31 -2.55 -11.69
N HIS A 29 -14.51 -3.14 -11.67
CA HIS A 29 -14.76 -4.30 -10.79
C HIS A 29 -13.83 -5.48 -11.16
N ALA A 30 -13.64 -5.74 -12.45
CA ALA A 30 -12.72 -6.76 -12.89
C ALA A 30 -11.27 -6.44 -12.46
N LEU A 31 -10.84 -5.20 -12.67
CA LEU A 31 -9.52 -4.72 -12.25
C LEU A 31 -9.33 -4.92 -10.75
N VAL A 32 -10.31 -4.50 -9.96
CA VAL A 32 -10.23 -4.62 -8.51
C VAL A 32 -10.08 -6.10 -8.13
N SER A 33 -10.88 -6.97 -8.75
CA SER A 33 -10.89 -8.44 -8.45
C SER A 33 -9.52 -9.06 -8.76
N ASP A 34 -8.94 -8.68 -9.92
CA ASP A 34 -7.55 -9.01 -10.25
C ASP A 34 -6.58 -8.53 -9.21
N MET A 35 -6.78 -7.30 -8.73
CA MET A 35 -5.87 -6.80 -7.72
C MET A 35 -5.94 -7.63 -6.45
N PHE A 36 -7.14 -7.97 -6.02
CA PHE A 36 -7.24 -8.70 -4.74
C PHE A 36 -6.61 -10.11 -4.92
N GLU A 37 -6.83 -10.69 -6.11
CA GLU A 37 -6.30 -11.96 -6.48
C GLU A 37 -4.76 -11.95 -6.56
N THR A 38 -4.21 -10.90 -7.16
CA THR A 38 -2.83 -10.69 -7.25
C THR A 38 -2.19 -10.49 -5.86
N MET A 39 -2.77 -9.61 -5.05
CA MET A 39 -2.25 -9.36 -3.72
C MET A 39 -2.26 -10.71 -2.95
N GLY A 40 -3.36 -11.46 -3.08
CA GLY A 40 -3.50 -12.67 -2.29
C GLY A 40 -2.44 -13.72 -2.69
N ALA A 41 -2.23 -13.91 -3.98
CA ALA A 41 -1.27 -14.90 -4.42
C ALA A 41 0.12 -14.54 -3.92
N ALA A 42 0.38 -13.25 -3.76
CA ALA A 42 1.74 -12.77 -3.37
C ALA A 42 1.87 -12.68 -1.87
N HIS A 43 0.79 -13.04 -1.16
CA HIS A 43 0.67 -12.91 0.29
C HIS A 43 0.89 -11.48 0.74
N GLY A 44 0.38 -10.50 -0.02
CA GLY A 44 0.59 -9.13 0.41
C GLY A 44 -0.39 -8.67 1.45
N VAL A 45 -0.14 -7.49 2.00
CA VAL A 45 -1.13 -6.82 2.80
C VAL A 45 -1.71 -5.55 2.11
N GLY A 46 -1.04 -5.09 1.07
CA GLY A 46 -1.58 -3.98 0.32
C GLY A 46 -1.04 -4.08 -1.08
N LEU A 47 -1.81 -3.61 -2.05
CA LEU A 47 -1.23 -3.59 -3.39
C LEU A 47 -1.78 -2.32 -4.13
N ALA A 48 -0.95 -1.57 -4.84
CA ALA A 48 -1.45 -0.33 -5.49
C ALA A 48 -1.50 -0.59 -6.99
N ALA A 49 -2.41 0.05 -7.74
CA ALA A 49 -2.57 -0.31 -9.17
C ALA A 49 -1.28 -0.12 -9.98
N PRO A 50 -0.49 0.91 -9.66
CA PRO A 50 0.78 1.06 -10.47
C PRO A 50 1.75 -0.13 -10.37
N GLN A 51 1.65 -0.89 -9.29
CA GLN A 51 2.49 -2.09 -9.14
C GLN A 51 2.12 -3.21 -10.14
N ILE A 52 0.91 -3.18 -10.71
CA ILE A 52 0.59 -4.07 -11.83
C ILE A 52 0.59 -3.30 -13.15
N ALA A 53 1.31 -2.18 -13.14
CA ALA A 53 1.44 -1.32 -14.29
C ALA A 53 0.06 -0.80 -14.76
N VAL A 54 -0.81 -0.42 -13.83
CA VAL A 54 -2.07 0.23 -14.15
C VAL A 54 -1.98 1.59 -13.53
N ASP A 55 -1.91 2.60 -14.41
CA ASP A 55 -1.74 4.01 -14.00
C ASP A 55 -3.07 4.56 -13.46
N LEU A 56 -3.47 4.19 -12.22
CA LEU A 56 -4.68 4.75 -11.66
C LEU A 56 -4.53 4.92 -10.16
N GLN A 57 -5.23 5.89 -9.61
CA GLN A 57 -5.35 6.07 -8.14
C GLN A 57 -6.23 5.00 -7.52
N LEU A 58 -5.67 3.81 -7.28
CA LEU A 58 -6.50 2.71 -6.83
C LEU A 58 -5.55 1.75 -6.01
N MET A 59 -6.05 1.28 -4.89
CA MET A 59 -5.31 0.33 -4.13
C MET A 59 -6.29 -0.63 -3.53
N VAL A 60 -5.76 -1.82 -3.22
CA VAL A 60 -6.52 -2.76 -2.38
C VAL A 60 -5.61 -3.05 -1.17
N PHE A 61 -6.23 -3.46 -0.06
CA PHE A 61 -5.46 -3.84 1.09
C PHE A 61 -6.38 -4.58 2.06
N GLY A 62 -5.75 -5.19 3.08
CA GLY A 62 -6.45 -5.78 4.22
C GLY A 62 -6.16 -7.29 4.33
N PHE A 63 -6.48 -7.89 5.50
CA PHE A 63 -6.18 -9.31 5.74
C PHE A 63 -6.73 -9.64 7.14
N GLU A 64 -7.12 -10.91 7.39
CA GLU A 64 -7.37 -11.40 8.76
C GLU A 64 -6.03 -11.71 9.38
N ALA A 65 -5.35 -12.72 8.81
CA ALA A 65 -4.04 -13.22 9.30
C ALA A 65 -2.90 -12.43 8.67
N ARG A 68 4.55 -11.17 6.61
CA ARG A 68 3.71 -11.62 7.72
C ARG A 68 3.96 -10.69 8.88
N TYR A 69 2.89 -10.06 9.37
CA TYR A 69 3.01 -8.97 10.33
C TYR A 69 2.30 -9.27 11.68
N PRO A 70 3.02 -9.96 12.59
CA PRO A 70 2.48 -10.56 13.81
C PRO A 70 1.75 -9.57 14.76
N GLU A 71 2.41 -8.49 15.17
CA GLU A 71 1.75 -7.39 15.94
C GLU A 71 0.47 -6.74 15.33
N ALA A 72 0.28 -6.85 13.99
CA ALA A 72 -0.79 -6.13 13.25
C ALA A 72 -2.17 -6.75 13.50
N PRO A 73 -3.16 -5.96 13.98
CA PRO A 73 -4.51 -6.52 14.04
C PRO A 73 -5.11 -6.61 12.61
N ALA A 74 -6.28 -7.25 12.50
CA ALA A 74 -7.02 -7.40 11.24
C ALA A 74 -7.21 -6.00 10.66
N VAL A 75 -7.02 -5.92 9.36
CA VAL A 75 -7.44 -4.74 8.57
C VAL A 75 -8.53 -5.16 7.55
N PRO A 76 -9.72 -4.53 7.56
CA PRO A 76 -10.75 -4.97 6.60
C PRO A 76 -10.27 -4.95 5.14
N LEU A 77 -10.71 -5.96 4.38
CA LEU A 77 -10.45 -6.00 2.96
C LEU A 77 -11.12 -4.78 2.31
N THR A 78 -10.35 -4.00 1.59
CA THR A 78 -10.86 -2.68 1.15
C THR A 78 -10.27 -2.42 -0.19
N ALA A 79 -11.12 -1.92 -1.09
CA ALA A 79 -10.60 -1.36 -2.36
C ALA A 79 -10.94 0.14 -2.35
N LEU A 80 -9.96 1.03 -2.55
CA LEU A 80 -10.11 2.48 -2.36
C LEU A 80 -9.60 3.15 -3.59
N ALA A 81 -10.50 3.91 -4.25
CA ALA A 81 -10.12 4.68 -5.44
C ALA A 81 -9.97 6.14 -5.00
N ASN A 82 -9.03 6.90 -5.61
CA ASN A 82 -8.95 8.35 -5.45
C ASN A 82 -8.66 8.74 -4.01
N ALA A 83 -7.84 7.90 -3.34
CA ALA A 83 -7.50 8.13 -1.95
C ALA A 83 -6.95 9.54 -1.64
N GLN A 84 -7.39 10.10 -0.52
CA GLN A 84 -6.76 11.33 0.03
C GLN A 84 -6.49 11.07 1.48
N ILE A 85 -5.35 11.55 1.95
CA ILE A 85 -4.92 11.23 3.29
C ILE A 85 -4.54 12.53 3.99
N GLU A 86 -4.85 12.61 5.29
CA GLU A 86 -4.60 13.75 6.15
C GLU A 86 -4.17 13.18 7.51
N PRO A 87 -3.03 13.67 8.03
CA PRO A 87 -2.67 13.26 9.37
C PRO A 87 -3.65 13.85 10.38
N LEU A 88 -3.94 13.09 11.41
CA LEU A 88 -4.76 13.57 12.54
C LEU A 88 -3.95 13.99 13.79
N SER A 89 -2.63 13.85 13.67
CA SER A 89 -1.71 14.30 14.70
C SER A 89 -0.35 14.33 14.07
N ASP A 90 0.57 15.02 14.72
CA ASP A 90 1.96 15.16 14.23
C ASP A 90 2.79 13.94 14.53
N GLU A 91 2.31 13.09 15.44
CA GLU A 91 3.03 11.90 15.94
C GLU A 91 3.44 10.86 14.86
N MET A 92 4.77 10.58 14.78
CA MET A 92 5.34 9.59 13.84
C MET A 92 5.63 8.30 14.61
N GLU A 93 5.55 7.15 13.93
CA GLU A 93 5.89 5.94 14.58
C GLU A 93 6.71 5.18 13.56
N ASN A 94 7.75 4.51 14.06
CA ASN A 94 8.62 3.67 13.21
C ASN A 94 8.07 2.28 13.08
N GLY A 95 8.20 1.66 11.93
CA GLY A 95 7.81 0.24 11.82
C GLY A 95 8.37 -0.42 10.58
N TRP A 96 8.35 -1.76 10.56
CA TRP A 96 8.92 -2.53 9.44
C TRP A 96 8.00 -2.43 8.22
N GLU A 97 8.57 -2.17 7.04
CA GLU A 97 7.82 -2.33 5.76
C GLU A 97 8.67 -3.10 4.74
N GLY A 98 7.98 -3.93 3.94
CA GLY A 98 8.52 -4.49 2.69
C GLY A 98 7.60 -4.02 1.56
N CYS A 99 7.83 -4.50 0.34
CA CYS A 99 7.02 -4.06 -0.82
C CYS A 99 7.17 -5.18 -1.80
N LEU A 100 6.05 -5.62 -2.37
CA LEU A 100 6.11 -6.69 -3.41
C LEU A 100 6.88 -6.24 -4.66
N SER A 101 7.07 -4.94 -4.89
CA SER A 101 7.91 -4.55 -6.05
C SER A 101 9.42 -4.54 -5.62
N ILE A 102 9.70 -4.82 -4.34
CA ILE A 102 11.14 -4.85 -3.86
C ILE A 102 11.32 -6.15 -3.08
N PRO A 103 11.24 -7.32 -3.76
CA PRO A 103 11.17 -8.64 -3.08
C PRO A 103 12.45 -8.92 -2.27
N GLY A 104 12.32 -9.50 -1.08
CA GLY A 104 13.48 -9.96 -0.35
C GLY A 104 13.95 -8.96 0.72
N LEU A 105 13.52 -7.69 0.62
CA LEU A 105 14.05 -6.64 1.49
C LEU A 105 13.03 -6.10 2.44
N ARG A 106 13.49 -5.40 3.48
CA ARG A 106 12.62 -4.61 4.35
C ARG A 106 13.44 -3.52 5.05
N ALA A 107 12.74 -2.51 5.59
CA ALA A 107 13.41 -1.41 6.34
C ALA A 107 12.46 -0.87 7.37
N VAL A 108 12.98 -0.13 8.37
CA VAL A 108 12.14 0.59 9.30
C VAL A 108 11.82 1.94 8.65
N ILE A 109 10.55 2.34 8.66
CA ILE A 109 10.10 3.57 8.02
C ILE A 109 9.23 4.36 8.99
N PRO A 110 9.45 5.66 9.10
CA PRO A 110 8.54 6.41 9.96
C PRO A 110 7.27 6.76 9.20
N ARG A 111 6.12 6.65 9.85
CA ARG A 111 4.83 7.04 9.24
C ARG A 111 4.06 7.81 10.30
N TYR A 112 3.03 8.58 9.89
CA TYR A 112 2.07 9.12 10.88
C TYR A 112 1.36 7.94 11.51
N ARG A 113 1.28 7.99 12.82
CA ARG A 113 0.57 7.01 13.61
C ARG A 113 -0.96 7.08 13.34
N TYR A 114 -1.51 8.29 13.12
CA TYR A 114 -2.98 8.55 13.10
C TYR A 114 -3.31 9.33 11.82
N ILE A 115 -4.20 8.78 11.00
CA ILE A 115 -4.65 9.49 9.78
C ILE A 115 -6.15 9.42 9.59
N ARG A 116 -6.67 10.27 8.70
CA ARG A 116 -7.96 9.99 8.11
C ARG A 116 -7.68 9.71 6.67
N TYR A 117 -8.37 8.71 6.12
CA TYR A 117 -8.35 8.63 4.65
C TYR A 117 -9.77 8.63 4.09
N ARG A 118 -9.90 9.14 2.85
CA ARG A 118 -11.19 9.33 2.15
C ARG A 118 -10.98 8.91 0.71
N GLY A 119 -12.06 8.42 0.10
CA GLY A 119 -12.07 8.16 -1.36
C GLY A 119 -13.39 7.45 -1.66
N PHE A 120 -13.36 6.47 -2.57
CA PHE A 120 -14.57 5.81 -3.05
C PHE A 120 -14.30 4.30 -3.14
N ALA A 121 -15.30 3.52 -2.77
CA ALA A 121 -15.31 2.08 -3.04
C ALA A 121 -15.58 1.90 -4.56
N PRO A 122 -15.21 0.72 -5.10
CA PRO A 122 -15.38 0.55 -6.57
C PRO A 122 -16.85 0.69 -7.02
N ASP A 123 -17.84 0.55 -6.13
CA ASP A 123 -19.20 0.76 -6.57
C ASP A 123 -19.58 2.23 -6.57
N GLY A 124 -18.64 3.10 -6.20
CA GLY A 124 -18.88 4.57 -6.19
C GLY A 124 -19.37 5.13 -4.84
N SER A 125 -19.62 4.30 -3.84
CA SER A 125 -20.02 4.91 -2.58
C SER A 125 -18.74 5.49 -1.88
N PRO A 126 -18.89 6.59 -1.15
CA PRO A 126 -17.75 7.18 -0.41
C PRO A 126 -17.18 6.24 0.71
N ILE A 127 -15.86 6.27 0.92
CA ILE A 127 -15.25 5.65 2.11
C ILE A 127 -14.55 6.80 2.86
N GLU A 128 -14.69 6.85 4.17
CA GLU A 128 -13.87 7.74 4.96
C GLU A 128 -13.68 7.12 6.30
N ARG A 129 -12.42 7.00 6.70
CA ARG A 129 -12.10 6.33 7.93
C ARG A 129 -10.94 6.98 8.63
N GLU A 130 -10.99 6.97 9.95
CA GLU A 130 -9.81 7.34 10.75
C GLU A 130 -9.07 6.01 10.91
N ALA A 131 -7.72 6.03 10.85
CA ALA A 131 -6.99 4.76 10.96
C ALA A 131 -5.73 5.06 11.80
N GLU A 132 -5.23 4.05 12.49
CA GLU A 132 -3.99 4.23 13.23
C GLU A 132 -3.07 3.03 13.10
N GLY A 133 -1.81 3.16 13.57
CA GLY A 133 -0.91 2.02 13.60
C GLY A 133 -0.73 1.39 12.22
N PHE A 134 -0.75 0.07 12.17
CA PHE A 134 -0.42 -0.66 10.96
C PHE A 134 -1.44 -0.39 9.80
N HIS A 135 -2.70 -0.29 10.17
CA HIS A 135 -3.78 0.08 9.25
C HIS A 135 -3.41 1.38 8.54
N ALA A 136 -3.12 2.42 9.32
CA ALA A 136 -2.65 3.70 8.79
C ALA A 136 -1.38 3.59 7.95
N ARG A 137 -0.46 2.74 8.39
CA ARG A 137 0.84 2.66 7.67
C ARG A 137 0.63 2.08 6.31
N VAL A 138 -0.20 1.03 6.27
CA VAL A 138 -0.46 0.35 5.00
C VAL A 138 -1.05 1.34 3.98
N VAL A 139 -2.04 2.09 4.43
CA VAL A 139 -2.65 3.06 3.48
C VAL A 139 -1.66 4.16 3.08
N GLN A 140 -0.84 4.69 4.00
CA GLN A 140 0.19 5.66 3.56
C GLN A 140 1.19 5.08 2.56
N HIS A 141 1.62 3.85 2.78
CA HIS A 141 2.58 3.18 1.88
C HIS A 141 1.95 2.98 0.49
N GLU A 142 0.71 2.50 0.44
CA GLU A 142 0.08 2.33 -0.87
C GLU A 142 -0.17 3.68 -1.54
N TYR A 143 -0.62 4.67 -0.78
CA TYR A 143 -0.78 6.01 -1.33
C TYR A 143 0.52 6.53 -2.00
N ASP A 144 1.69 6.35 -1.36
CA ASP A 144 2.97 6.73 -1.97
C ASP A 144 3.10 6.17 -3.38
N HIS A 145 2.67 4.94 -3.61
CA HIS A 145 2.81 4.35 -4.97
C HIS A 145 2.07 5.23 -6.03
N LEU A 146 1.01 5.91 -5.60
CA LEU A 146 0.09 6.62 -6.54
C LEU A 146 0.74 7.97 -6.91
N VAL A 147 1.78 8.37 -6.16
CA VAL A 147 2.51 9.58 -6.45
C VAL A 147 3.99 9.25 -6.84
N GLY A 148 4.28 7.99 -7.12
CA GLY A 148 5.52 7.61 -7.78
C GLY A 148 6.62 7.47 -6.73
N ARG A 149 6.26 7.06 -5.51
CA ARG A 149 7.22 7.00 -4.36
C ARG A 149 7.24 5.58 -3.80
N LEU A 150 8.43 5.11 -3.46
CA LEU A 150 8.64 3.81 -2.82
C LEU A 150 9.35 4.02 -1.47
N TYR A 151 9.31 3.05 -0.59
CA TYR A 151 9.77 3.22 0.80
C TYR A 151 11.27 3.57 0.95
N PRO A 152 12.13 3.21 -0.01
CA PRO A 152 13.56 3.47 0.32
C PRO A 152 13.86 4.98 0.48
N SER A 153 13.17 5.83 -0.31
CA SER A 153 13.33 7.28 -0.22
C SER A 153 12.74 7.78 1.09
N ARG A 154 12.18 6.92 1.93
CA ARG A 154 11.71 7.36 3.23
C ARG A 154 12.55 6.83 4.43
N ILE A 155 13.46 5.90 4.17
CA ILE A 155 14.32 5.36 5.25
C ILE A 155 15.16 6.52 5.87
N GLU A 156 15.22 6.59 7.20
CA GLU A 156 16.13 7.50 7.91
C GLU A 156 17.32 6.72 8.48
N ASN A 157 17.07 5.55 9.02
CA ASN A 157 18.13 4.71 9.58
C ASN A 157 18.47 3.55 8.62
N PHE A 158 19.55 3.71 7.85
CA PHE A 158 19.97 2.70 6.87
C PHE A 158 20.50 1.42 7.50
N ASP A 159 20.80 1.42 8.79
CA ASP A 159 21.12 0.16 9.49
C ASP A 159 19.97 -0.85 9.49
N THR A 160 18.75 -0.36 9.32
CA THR A 160 17.56 -1.24 9.38
C THR A 160 17.16 -1.75 8.01
N PHE A 161 17.82 -1.31 6.95
CA PHE A 161 17.50 -1.77 5.56
C PHE A 161 18.32 -3.01 5.16
N GLY A 162 17.66 -4.11 4.83
CA GLY A 162 18.42 -5.33 4.47
C GLY A 162 17.49 -6.43 4.04
N PHE A 163 18.06 -7.61 3.84
CA PHE A 163 17.28 -8.74 3.35
C PHE A 163 16.58 -9.35 4.54
N ASP A 164 15.31 -9.70 4.29
CA ASP A 164 14.42 -10.22 5.34
CA ASP A 164 14.34 -10.38 5.21
C ASP A 164 14.98 -11.44 6.08
N ASP A 165 15.69 -12.33 5.40
CA ASP A 165 16.26 -13.54 6.01
C ASP A 165 17.56 -13.28 6.79
N VAL A 166 18.10 -12.06 6.71
CA VAL A 166 19.34 -11.72 7.37
C VAL A 166 19.22 -10.68 8.52
N LEU A 167 18.23 -9.77 8.46
CA LEU A 167 18.13 -8.69 9.45
C LEU A 167 17.91 -9.20 10.89
N SER A 168 18.62 -8.61 11.86
CA SER A 168 18.39 -8.87 13.28
C SER A 168 18.29 -7.52 14.03
N TYR A 169 17.82 -6.48 13.32
CA TYR A 169 17.54 -5.20 13.96
C TYR A 169 16.30 -5.35 14.87
N ASP A 170 16.43 -4.87 16.10
CA ASP A 170 15.38 -5.04 17.07
C ASP A 170 14.66 -3.72 17.28
N LEU A 171 13.58 -3.52 16.51
CA LEU A 171 12.85 -2.24 16.56
C LEU A 171 12.37 -1.97 18.01
#